data_7A1C
#
_entry.id   7A1C
#
_cell.length_a   50.212
_cell.length_b   75.383
_cell.length_c   68.347
_cell.angle_alpha   90.000
_cell.angle_beta   111.550
_cell.angle_gamma   90.000
#
_symmetry.space_group_name_H-M   'P 1 21 1'
#
loop_
_entity.id
_entity.type
_entity.pdbx_description
1 polymer 'L,D-transpeptidase 2'
2 non-polymer 'DIMETHYL SULFOXIDE'
3 water water
#
_entity_poly.entity_id   1
_entity_poly.type   'polypeptide(L)'
_entity_poly.pdbx_seq_one_letter_code
;SMHLTMPYVMPGDGEVVGVGEPVAIRFDENIADRGAAEKAIKITTNPPVEGAFYWLNNREVRWRPEHFWKPGTAVDVAVN
TYGVDLGEGMFGEDNVQTHFTIGDEVIATADDNTKILTVRVNGEVVKSMPTSMGKDSTPTANGIYIVGSRYKHIIMDSST
YGVPVNSPNGYRTDVDWATQISYSGVFVHSAPWSVGAQGHTNTSHG(SCH)LNVSPSNAQWFYDHVKRGDIVEVVNTVGG
TLPGIDGLGDWNIPWDQWRAGNAKA
;
_entity_poly.pdbx_strand_id   A,B
#
loop_
_chem_comp.id
_chem_comp.type
_chem_comp.name
_chem_comp.formula
DMS non-polymer 'DIMETHYL SULFOXIDE' 'C2 H6 O S'
#
# COMPACT_ATOMS: atom_id res chain seq x y z
N HIS A 3 12.37 -11.39 8.38
CA HIS A 3 13.19 -10.29 8.91
C HIS A 3 13.16 -9.03 8.03
N LEU A 4 12.25 -8.99 7.07
CA LEU A 4 11.99 -7.79 6.28
C LEU A 4 10.64 -7.20 6.69
N THR A 5 10.52 -5.89 6.59
CA THR A 5 9.24 -5.22 6.79
C THR A 5 9.05 -4.22 5.65
N MET A 6 7.81 -4.12 5.18
CA MET A 6 7.46 -3.32 4.02
C MET A 6 6.70 -2.09 4.53
N PRO A 7 7.11 -0.90 4.08
CA PRO A 7 6.37 0.31 4.38
C PRO A 7 5.26 0.52 3.36
N TYR A 8 4.21 1.19 3.79
CA TYR A 8 3.11 1.58 2.93
C TYR A 8 2.79 3.02 3.24
N VAL A 9 2.69 3.84 2.19
CA VAL A 9 2.43 5.25 2.38
C VAL A 9 1.03 5.61 1.96
N MET A 10 0.40 6.47 2.77
CA MET A 10 -0.84 7.13 2.40
C MET A 10 -0.62 8.64 2.64
N PRO A 11 -1.26 9.52 1.85
CA PRO A 11 -2.14 9.14 0.77
C PRO A 11 -1.47 8.59 -0.48
N GLY A 12 -2.33 8.21 -1.42
CA GLY A 12 -1.87 7.58 -2.63
C GLY A 12 -1.11 8.53 -3.56
N ASP A 13 -0.17 7.97 -4.32
CA ASP A 13 0.58 8.76 -5.27
C ASP A 13 -0.35 9.41 -6.30
N GLY A 14 -0.16 10.70 -6.51
CA GLY A 14 -1.00 11.47 -7.41
C GLY A 14 -2.34 11.91 -6.88
N GLU A 15 -2.68 11.58 -5.64
CA GLU A 15 -3.98 11.96 -5.09
CA GLU A 15 -3.98 11.96 -5.09
C GLU A 15 -4.03 13.44 -4.74
N VAL A 16 -5.25 13.96 -4.63
CA VAL A 16 -5.55 15.26 -4.07
C VAL A 16 -6.34 14.92 -2.82
N VAL A 17 -5.96 15.54 -1.69
CA VAL A 17 -6.56 15.23 -0.41
C VAL A 17 -6.86 16.55 0.29
N GLY A 18 -7.70 16.48 1.29
CA GLY A 18 -8.07 17.64 2.04
C GLY A 18 -7.02 18.14 3.02
N VAL A 19 -7.34 19.27 3.64
CA VAL A 19 -6.35 20.01 4.38
C VAL A 19 -6.03 19.35 5.71
N GLY A 20 -6.82 18.35 6.07
CA GLY A 20 -6.57 17.59 7.29
C GLY A 20 -5.75 16.34 7.10
N GLU A 21 -5.31 16.03 5.89
CA GLU A 21 -4.70 14.71 5.67
C GLU A 21 -3.26 14.63 6.17
N PRO A 22 -2.96 13.72 7.12
CA PRO A 22 -1.58 13.49 7.51
C PRO A 22 -0.91 12.58 6.50
N VAL A 23 0.40 12.68 6.42
CA VAL A 23 1.17 11.64 5.77
C VAL A 23 1.18 10.43 6.72
N ALA A 24 0.97 9.25 6.18
CA ALA A 24 0.96 8.03 7.02
C ALA A 24 1.92 7.05 6.45
N ILE A 25 2.79 6.49 7.30
CA ILE A 25 3.66 5.39 6.89
C ILE A 25 3.35 4.24 7.83
N ARG A 26 2.81 3.16 7.25
CA ARG A 26 2.35 2.02 8.00
C ARG A 26 3.20 0.83 7.58
N PHE A 27 3.70 0.10 8.56
CA PHE A 27 4.54 -1.05 8.30
C PHE A 27 3.77 -2.33 8.56
N ASP A 28 4.17 -3.43 7.90
CA ASP A 28 3.51 -4.71 8.14
C ASP A 28 4.15 -5.48 9.29
N GLU A 29 5.04 -4.86 10.04
CA GLU A 29 5.56 -5.43 11.30
C GLU A 29 5.73 -4.33 12.32
N ASN A 30 5.73 -4.72 13.60
CA ASN A 30 6.08 -3.79 14.67
C ASN A 30 7.47 -3.24 14.45
N ILE A 31 7.61 -1.93 14.58
CA ILE A 31 8.90 -1.28 14.42
C ILE A 31 9.60 -1.18 15.78
N ALA A 32 10.76 -1.82 15.90
CA ALA A 32 11.47 -1.80 17.18
C ALA A 32 12.19 -0.47 17.41
N ASP A 33 12.75 0.11 16.35
CA ASP A 33 13.51 1.34 16.48
C ASP A 33 12.74 2.45 15.73
N ARG A 34 11.88 3.15 16.45
CA ARG A 34 11.04 4.17 15.80
C ARG A 34 11.87 5.31 15.24
N GLY A 35 12.93 5.70 15.94
CA GLY A 35 13.81 6.75 15.46
C GLY A 35 14.47 6.39 14.13
N ALA A 36 14.79 5.11 13.97
CA ALA A 36 15.38 4.65 12.72
C ALA A 36 14.41 4.85 11.55
N ALA A 37 13.15 4.52 11.77
CA ALA A 37 12.12 4.73 10.76
C ALA A 37 11.95 6.22 10.48
N GLU A 38 11.86 7.05 11.51
CA GLU A 38 11.67 8.47 11.29
C GLU A 38 12.80 9.10 10.47
N LYS A 39 14.02 8.73 10.79
CA LYS A 39 15.18 9.23 10.06
C LYS A 39 15.21 8.77 8.61
N ALA A 40 14.57 7.64 8.30
CA ALA A 40 14.54 7.15 6.92
C ALA A 40 13.46 7.79 6.06
N ILE A 41 12.65 8.66 6.62
CA ILE A 41 11.49 9.22 5.90
C ILE A 41 11.68 10.71 5.71
N LYS A 42 11.75 11.13 4.46
CA LYS A 42 11.98 12.55 4.13
C LYS A 42 10.75 13.11 3.43
N ILE A 43 10.17 14.15 4.02
CA ILE A 43 8.98 14.81 3.50
C ILE A 43 9.33 16.22 2.99
N THR A 44 9.00 16.47 1.74
CA THR A 44 9.21 17.74 1.08
C THR A 44 7.85 18.41 0.80
N THR A 45 7.72 19.68 1.19
CA THR A 45 6.48 20.40 1.01
C THR A 45 6.69 21.66 0.20
N ASN A 46 5.72 22.00 -0.63
CA ASN A 46 5.79 23.25 -1.35
C ASN A 46 4.41 23.84 -1.50
N PRO A 47 4.12 24.99 -0.87
CA PRO A 47 5.01 25.80 -0.06
C PRO A 47 5.50 25.05 1.19
N PRO A 48 6.74 25.33 1.61
CA PRO A 48 7.32 24.58 2.71
C PRO A 48 6.70 24.89 4.04
N VAL A 49 6.38 23.84 4.79
CA VAL A 49 5.80 23.97 6.11
C VAL A 49 6.47 22.93 7.01
N GLU A 50 6.67 23.30 8.27
CA GLU A 50 7.21 22.41 9.29
C GLU A 50 6.20 21.32 9.58
N GLY A 51 6.69 20.11 9.82
CA GLY A 51 5.82 19.05 10.33
C GLY A 51 6.61 18.14 11.22
N ALA A 52 5.96 17.14 11.75
CA ALA A 52 6.60 16.25 12.72
C ALA A 52 5.92 14.90 12.74
N PHE A 53 6.65 13.91 13.24
CA PHE A 53 6.22 12.51 13.33
C PHE A 53 5.60 12.21 14.70
N TYR A 54 4.53 11.41 14.69
CA TYR A 54 3.90 10.89 15.89
C TYR A 54 3.34 9.52 15.56
N TRP A 55 3.64 8.55 16.41
CA TRP A 55 3.22 7.18 16.22
C TRP A 55 1.84 6.93 16.78
N LEU A 56 0.96 6.42 15.95
CA LEU A 56 -0.36 6.00 16.40
C LEU A 56 -0.30 4.70 17.16
N ASN A 57 0.64 3.85 16.77
CA ASN A 57 0.84 2.53 17.37
C ASN A 57 2.20 2.05 16.91
N ASN A 58 2.51 0.78 17.16
CA ASN A 58 3.82 0.28 16.87
C ASN A 58 4.10 0.01 15.42
N ARG A 59 3.08 0.14 14.57
CA ARG A 59 3.22 -0.08 13.15
C ARG A 59 2.92 1.11 12.29
N GLU A 60 2.57 2.25 12.86
CA GLU A 60 2.14 3.34 11.98
C GLU A 60 2.56 4.66 12.53
N VAL A 61 3.26 5.42 11.70
CA VAL A 61 3.70 6.74 12.06
C VAL A 61 3.00 7.74 11.15
N ARG A 62 2.65 8.87 11.73
CA ARG A 62 2.03 9.97 11.02
C ARG A 62 2.92 11.20 11.09
N TRP A 63 2.77 12.02 10.08
CA TRP A 63 3.42 13.31 10.00
C TRP A 63 2.44 14.31 9.52
N ARG A 64 2.41 15.45 10.20
CA ARG A 64 1.55 16.53 9.79
C ARG A 64 2.15 17.83 10.25
N PRO A 65 1.68 18.94 9.68
CA PRO A 65 2.05 20.26 10.19
C PRO A 65 1.25 20.63 11.45
N GLU A 66 1.57 21.80 11.97
CA GLU A 66 0.91 22.33 13.14
C GLU A 66 -0.55 22.64 12.86
N HIS A 67 -0.81 23.18 11.67
CA HIS A 67 -2.15 23.58 11.27
C HIS A 67 -2.55 22.81 10.02
N PHE A 68 -3.83 22.86 9.71
CA PHE A 68 -4.33 22.30 8.47
C PHE A 68 -3.49 22.79 7.32
N TRP A 69 -3.27 21.92 6.36
CA TRP A 69 -2.49 22.26 5.21
C TRP A 69 -3.08 23.43 4.43
N LYS A 70 -2.22 24.20 3.77
CA LYS A 70 -2.72 25.21 2.85
C LYS A 70 -3.14 24.57 1.54
N PRO A 71 -4.36 24.86 1.06
CA PRO A 71 -4.75 24.41 -0.28
C PRO A 71 -3.67 24.68 -1.34
N GLY A 72 -3.47 23.69 -2.19
CA GLY A 72 -2.54 23.73 -3.28
C GLY A 72 -1.14 23.22 -2.95
N THR A 73 -0.85 23.03 -1.67
CA THR A 73 0.45 22.49 -1.28
C THR A 73 0.73 21.18 -1.98
N ALA A 74 1.98 21.02 -2.44
CA ALA A 74 2.47 19.81 -3.06
C ALA A 74 3.38 19.13 -2.05
N VAL A 75 3.14 17.84 -1.83
CA VAL A 75 3.85 17.06 -0.81
C VAL A 75 4.57 15.91 -1.49
N ASP A 76 5.87 15.78 -1.23
CA ASP A 76 6.64 14.62 -1.69
C ASP A 76 7.07 13.84 -0.47
N VAL A 77 6.89 12.53 -0.51
CA VAL A 77 7.27 11.65 0.60
C VAL A 77 8.26 10.62 0.07
N ALA A 78 9.46 10.61 0.65
CA ALA A 78 10.50 9.65 0.33
C ALA A 78 10.71 8.74 1.54
N VAL A 79 10.24 7.50 1.46
CA VAL A 79 10.47 6.52 2.53
C VAL A 79 11.66 5.67 2.09
N ASN A 80 12.83 5.98 2.62
CA ASN A 80 14.10 5.41 2.13
C ASN A 80 14.52 4.28 3.03
N THR A 81 13.66 3.27 3.10
CA THR A 81 13.80 2.22 4.10
C THR A 81 14.49 0.98 3.55
N TYR A 82 14.80 0.94 2.26
CA TYR A 82 15.42 -0.27 1.69
C TYR A 82 16.71 -0.58 2.45
N GLY A 83 16.76 -1.79 3.01
CA GLY A 83 17.94 -2.27 3.71
C GLY A 83 18.26 -1.58 5.02
N VAL A 84 17.35 -0.77 5.53
CA VAL A 84 17.60 -0.01 6.74
C VAL A 84 17.29 -0.91 7.95
N ASP A 85 18.13 -0.82 8.99
CA ASP A 85 17.97 -1.63 10.20
C ASP A 85 16.92 -0.98 11.10
N LEU A 86 15.73 -1.59 11.14
CA LEU A 86 14.62 -1.07 11.95
C LEU A 86 14.55 -1.69 13.34
N GLY A 87 15.54 -2.51 13.70
CA GLY A 87 15.66 -3.05 15.05
C GLY A 87 15.23 -4.49 15.16
N GLU A 88 15.76 -5.17 16.19
CA GLU A 88 15.46 -6.59 16.45
C GLU A 88 15.60 -7.41 15.18
N GLY A 89 16.64 -7.11 14.43
CA GLY A 89 16.95 -7.82 13.20
C GLY A 89 15.95 -7.69 12.07
N MET A 90 15.19 -6.59 12.02
CA MET A 90 14.24 -6.33 10.93
CA MET A 90 14.25 -6.35 10.92
C MET A 90 14.80 -5.25 10.02
N PHE A 91 14.74 -5.48 8.71
CA PHE A 91 15.23 -4.52 7.74
C PHE A 91 14.12 -4.09 6.80
N GLY A 92 14.22 -2.85 6.34
CA GLY A 92 13.28 -2.32 5.36
C GLY A 92 13.33 -3.06 4.05
N GLU A 93 12.18 -3.48 3.57
CA GLU A 93 12.09 -4.32 2.39
C GLU A 93 12.28 -3.54 1.10
N ASP A 94 11.82 -2.28 1.07
CA ASP A 94 11.89 -1.46 -0.11
C ASP A 94 11.81 -0.01 0.32
N ASN A 95 12.10 0.87 -0.63
CA ASN A 95 11.72 2.27 -0.56
C ASN A 95 10.31 2.46 -1.09
N VAL A 96 9.72 3.59 -0.71
CA VAL A 96 8.45 4.03 -1.23
C VAL A 96 8.59 5.52 -1.51
N GLN A 97 7.96 5.99 -2.58
CA GLN A 97 8.00 7.42 -2.95
C GLN A 97 6.65 7.84 -3.48
N THR A 98 6.05 8.84 -2.83
CA THR A 98 4.71 9.33 -3.19
C THR A 98 4.68 10.81 -3.30
N HIS A 99 3.78 11.28 -4.14
CA HIS A 99 3.54 12.67 -4.32
C HIS A 99 2.03 12.97 -4.30
N PHE A 100 1.60 14.00 -3.60
CA PHE A 100 0.19 14.35 -3.61
C PHE A 100 0.07 15.85 -3.45
N THR A 101 -1.16 16.33 -3.60
CA THR A 101 -1.44 17.73 -3.43
C THR A 101 -2.64 17.89 -2.50
N ILE A 102 -2.69 19.04 -1.87
CA ILE A 102 -3.79 19.42 -0.99
C ILE A 102 -4.85 20.15 -1.78
N GLY A 103 -6.11 19.82 -1.53
CA GLY A 103 -7.24 20.41 -2.27
C GLY A 103 -7.76 21.65 -1.59
N ASP A 104 -8.94 22.04 -2.03
CA ASP A 104 -9.61 23.14 -1.40
C ASP A 104 -9.82 22.84 0.08
N GLU A 105 -9.98 23.89 0.87
CA GLU A 105 -10.28 23.77 2.29
C GLU A 105 -11.76 23.46 2.46
N VAL A 106 -12.03 22.27 2.97
CA VAL A 106 -13.39 21.78 3.16
C VAL A 106 -13.48 21.40 4.61
N ILE A 107 -14.26 22.16 5.37
CA ILE A 107 -14.44 21.91 6.77
C ILE A 107 -15.93 21.90 7.07
N ALA A 108 -16.40 20.78 7.59
CA ALA A 108 -17.81 20.63 7.95
C ALA A 108 -17.94 20.61 9.45
N THR A 109 -18.77 21.49 10.00
CA THR A 109 -18.95 21.59 11.41
C THR A 109 -20.35 21.10 11.80
N ALA A 110 -20.40 20.14 12.71
CA ALA A 110 -21.64 19.61 13.26
C ALA A 110 -21.76 20.18 14.66
N ASP A 111 -22.77 21.05 14.82
CA ASP A 111 -22.95 21.82 16.05
C ASP A 111 -24.19 21.28 16.75
N ASP A 112 -23.98 20.64 17.90
CA ASP A 112 -25.07 20.05 18.64
C ASP A 112 -26.06 21.09 19.17
N ASN A 113 -25.69 22.37 19.20
CA ASN A 113 -26.62 23.41 19.68
C ASN A 113 -27.64 23.78 18.61
N THR A 114 -27.27 23.61 17.36
CA THR A 114 -28.17 23.87 16.24
C THR A 114 -28.64 22.60 15.56
N LYS A 115 -27.94 21.49 15.80
CA LYS A 115 -28.19 20.22 15.13
C LYS A 115 -28.11 20.34 13.62
N ILE A 116 -27.16 21.14 13.17
CA ILE A 116 -26.87 21.35 11.76
C ILE A 116 -25.40 21.00 11.49
N LEU A 117 -25.18 20.34 10.37
CA LEU A 117 -23.85 20.09 9.85
C LEU A 117 -23.63 21.05 8.68
N THR A 118 -22.76 22.03 8.85
CA THR A 118 -22.53 23.08 7.87
C THR A 118 -21.22 22.79 7.14
N VAL A 119 -21.27 22.74 5.82
CA VAL A 119 -20.07 22.50 5.05
C VAL A 119 -19.56 23.81 4.49
N ARG A 120 -18.31 24.15 4.82
CA ARG A 120 -17.68 25.37 4.32
CA ARG A 120 -17.69 25.38 4.32
C ARG A 120 -16.55 25.01 3.39
N VAL A 121 -16.55 25.64 2.21
CA VAL A 121 -15.51 25.40 1.20
C VAL A 121 -14.82 26.71 1.01
N ASN A 122 -13.56 26.73 1.42
CA ASN A 122 -12.77 27.92 1.39
C ASN A 122 -13.48 29.04 2.12
N GLY A 123 -14.12 28.70 3.20
CA GLY A 123 -14.75 29.66 4.04
C GLY A 123 -16.21 29.92 3.77
N GLU A 124 -16.71 29.55 2.61
CA GLU A 124 -18.11 29.83 2.32
C GLU A 124 -19.02 28.66 2.58
N VAL A 125 -20.19 28.95 3.11
CA VAL A 125 -21.14 27.90 3.38
C VAL A 125 -21.64 27.41 2.06
N VAL A 126 -21.55 26.12 1.82
CA VAL A 126 -22.09 25.55 0.59
C VAL A 126 -23.22 24.59 0.86
N LYS A 127 -23.25 23.98 2.05
CA LYS A 127 -24.39 23.13 2.44
C LYS A 127 -24.68 23.31 3.92
N SER A 128 -25.97 23.25 4.29
CA SER A 128 -26.44 23.26 5.66
C SER A 128 -27.35 22.04 5.84
N MET A 129 -26.87 21.05 6.59
CA MET A 129 -27.52 19.75 6.62
C MET A 129 -28.00 19.48 8.02
N PRO A 130 -29.33 19.43 8.24
CA PRO A 130 -29.79 18.96 9.55
C PRO A 130 -29.23 17.59 9.87
N THR A 131 -28.88 17.39 11.13
CA THR A 131 -28.28 16.15 11.56
C THR A 131 -28.89 15.69 12.88
N SER A 132 -28.80 14.38 13.08
CA SER A 132 -29.13 13.69 14.31
C SER A 132 -27.88 12.92 14.66
N MET A 133 -27.28 13.26 15.79
CA MET A 133 -25.99 12.68 16.22
C MET A 133 -26.28 11.72 17.35
N GLY A 134 -25.24 11.29 18.02
CA GLY A 134 -25.39 10.33 19.10
C GLY A 134 -26.31 10.75 20.23
N LYS A 135 -27.25 9.88 20.57
CA LYS A 135 -28.11 10.08 21.72
C LYS A 135 -27.26 10.17 23.00
N ASP A 136 -27.87 10.70 24.04
CA ASP A 136 -27.15 11.07 25.24
C ASP A 136 -26.31 9.95 25.82
N SER A 137 -26.81 8.72 25.75
CA SER A 137 -26.08 7.58 26.33
C SER A 137 -24.95 7.08 25.43
N THR A 138 -24.99 7.42 24.14
CA THR A 138 -23.96 7.01 23.18
C THR A 138 -23.63 8.23 22.30
N PRO A 139 -23.11 9.30 22.93
CA PRO A 139 -22.97 10.56 22.23
C PRO A 139 -21.81 10.56 21.24
N THR A 140 -21.89 11.46 20.28
CA THR A 140 -20.78 11.75 19.39
C THR A 140 -19.74 12.58 20.12
N ALA A 141 -18.48 12.16 20.10
CA ALA A 141 -17.43 12.92 20.73
C ALA A 141 -17.20 14.22 19.99
N ASN A 142 -16.99 15.30 20.73
CA ASN A 142 -16.51 16.51 20.11
C ASN A 142 -15.10 16.32 19.58
N GLY A 143 -14.73 17.15 18.62
CA GLY A 143 -13.34 17.23 18.22
C GLY A 143 -13.20 17.33 16.74
N ILE A 144 -11.99 17.10 16.27
CA ILE A 144 -11.67 17.20 14.86
C ILE A 144 -11.50 15.81 14.28
N TYR A 145 -12.24 15.55 13.21
CA TYR A 145 -12.24 14.26 12.54
C TYR A 145 -11.70 14.41 11.12
N ILE A 146 -10.79 13.52 10.70
CA ILE A 146 -10.28 13.55 9.36
C ILE A 146 -11.15 12.61 8.53
N VAL A 147 -11.67 13.10 7.40
CA VAL A 147 -12.45 12.28 6.52
C VAL A 147 -11.59 11.16 5.97
N GLY A 148 -12.11 9.94 6.07
CA GLY A 148 -11.41 8.79 5.54
C GLY A 148 -12.05 8.31 4.27
N SER A 149 -12.36 7.02 4.28
CA SER A 149 -12.91 6.31 3.15
C SER A 149 -14.39 6.57 3.02
N ARG A 150 -14.91 6.26 1.84
CA ARG A 150 -16.33 6.44 1.57
C ARG A 150 -16.86 5.14 0.99
N TYR A 151 -18.15 4.89 1.23
CA TYR A 151 -18.80 3.66 0.80
C TYR A 151 -20.21 3.94 0.28
N LYS A 152 -20.53 3.48 -0.93
CA LYS A 152 -21.88 3.71 -1.45
C LYS A 152 -22.88 3.04 -0.54
N HIS A 153 -22.49 1.93 0.05
CA HIS A 153 -23.30 1.31 1.06
C HIS A 153 -22.40 0.42 1.85
N ILE A 154 -22.72 0.26 3.10
CA ILE A 154 -21.86 -0.45 3.97
C ILE A 154 -22.68 -0.96 5.14
N ILE A 155 -22.47 -2.21 5.48
CA ILE A 155 -23.13 -2.76 6.60
C ILE A 155 -22.22 -2.42 7.75
N MET A 156 -22.68 -1.58 8.67
CA MET A 156 -21.89 -1.24 9.85
C MET A 156 -22.29 -2.29 10.87
N ASP A 157 -21.42 -3.27 11.05
CA ASP A 157 -21.61 -4.37 11.98
C ASP A 157 -20.58 -4.14 13.04
N SER A 158 -21.02 -3.69 14.18
CA SER A 158 -20.12 -3.34 15.26
C SER A 158 -19.36 -4.55 15.75
N SER A 159 -19.73 -5.73 15.28
CA SER A 159 -19.00 -6.92 15.68
C SER A 159 -17.58 -6.90 15.15
N THR A 160 -17.29 -5.89 14.35
CA THR A 160 -15.94 -5.57 13.96
C THR A 160 -15.37 -4.82 15.15
N PRO A 164 -20.12 -7.40 19.75
CA PRO A 164 -21.27 -8.23 19.46
C PRO A 164 -22.53 -7.38 19.38
N VAL A 165 -23.25 -7.54 18.28
CA VAL A 165 -24.49 -6.87 17.98
C VAL A 165 -25.51 -6.94 19.13
N ASN A 166 -25.83 -8.14 19.55
CA ASN A 166 -26.79 -8.28 20.65
C ASN A 166 -26.10 -8.21 22.02
N SER A 167 -25.54 -7.02 22.26
CA SER A 167 -24.87 -6.62 23.49
C SER A 167 -25.34 -5.18 23.74
N PRO A 168 -25.02 -4.55 24.91
CA PRO A 168 -25.69 -3.23 25.21
C PRO A 168 -25.77 -1.93 24.34
N ASN A 169 -24.67 -1.47 23.80
CA ASN A 169 -24.75 -0.29 22.98
C ASN A 169 -24.32 -0.71 21.58
N GLY A 170 -24.37 -2.04 21.32
CA GLY A 170 -23.98 -2.71 20.07
C GLY A 170 -25.01 -2.65 18.94
N TYR A 171 -24.61 -2.92 17.71
CA TYR A 171 -25.52 -2.76 16.58
C TYR A 171 -25.06 -3.42 15.32
N ARG A 172 -25.97 -3.54 14.38
CA ARG A 172 -25.61 -4.03 13.08
C ARG A 172 -26.57 -3.41 12.12
N THR A 173 -26.09 -2.51 11.28
CA THR A 173 -26.96 -1.80 10.40
C THR A 173 -26.42 -1.62 9.01
N ASP A 174 -27.28 -1.63 8.01
CA ASP A 174 -26.86 -1.39 6.65
C ASP A 174 -27.15 0.07 6.36
N VAL A 175 -26.19 0.82 5.82
CA VAL A 175 -26.46 2.21 5.51
C VAL A 175 -25.93 2.56 4.14
N ASP A 176 -26.52 3.57 3.54
CA ASP A 176 -26.06 4.13 2.28
C ASP A 176 -25.22 5.39 2.47
N TRP A 177 -24.46 5.72 1.43
CA TRP A 177 -23.72 7.00 1.29
C TRP A 177 -22.96 7.33 2.58
N ALA A 178 -22.03 6.44 2.94
CA ALA A 178 -21.38 6.48 4.23
C ALA A 178 -19.96 7.01 4.08
N THR A 179 -19.65 8.10 4.77
CA THR A 179 -18.29 8.64 4.79
C THR A 179 -17.70 8.41 6.16
N GLN A 180 -16.59 7.70 6.21
CA GLN A 180 -15.95 7.36 7.46
C GLN A 180 -15.21 8.57 7.99
N ILE A 181 -15.45 8.92 9.25
CA ILE A 181 -14.68 9.99 9.89
C ILE A 181 -13.95 9.60 11.16
N SER A 182 -14.10 8.37 11.62
CA SER A 182 -13.24 7.87 12.70
C SER A 182 -13.05 6.38 12.56
N TYR A 183 -11.90 5.89 13.02
CA TYR A 183 -11.71 4.44 13.08
C TYR A 183 -12.61 3.80 14.17
N SER A 184 -13.00 4.58 15.18
CA SER A 184 -13.97 4.17 16.19
C SER A 184 -15.38 3.97 15.64
N GLY A 185 -15.59 4.25 14.36
CA GLY A 185 -16.79 3.88 13.66
C GLY A 185 -17.81 4.98 13.48
N VAL A 186 -17.39 6.24 13.60
CA VAL A 186 -18.28 7.33 13.30
C VAL A 186 -18.30 7.55 11.79
N PHE A 187 -19.52 7.60 11.24
CA PHE A 187 -19.77 7.91 9.85
C PHE A 187 -20.74 9.07 9.71
N VAL A 188 -20.59 9.82 8.62
CA VAL A 188 -21.67 10.58 8.05
C VAL A 188 -22.40 9.64 7.10
N HIS A 189 -23.73 9.52 7.21
CA HIS A 189 -24.44 8.62 6.33
C HIS A 189 -25.93 8.92 6.22
N SER A 190 -26.52 8.36 5.18
CA SER A 190 -27.94 8.50 4.92
C SER A 190 -28.72 7.79 6.02
N ALA A 191 -29.69 8.50 6.59
CA ALA A 191 -30.58 7.95 7.63
C ALA A 191 -31.98 8.45 7.34
N PRO A 192 -32.62 7.87 6.30
CA PRO A 192 -33.99 8.33 5.98
C PRO A 192 -34.97 8.13 7.15
N TRP A 193 -34.70 7.16 8.00
CA TRP A 193 -35.53 6.86 9.17
C TRP A 193 -35.50 7.95 10.26
N SER A 194 -34.52 8.85 10.23
CA SER A 194 -34.43 9.84 11.30
C SER A 194 -34.50 11.26 10.76
N VAL A 195 -35.02 11.43 9.55
CA VAL A 195 -35.13 12.76 8.98
C VAL A 195 -35.96 13.68 9.89
N GLY A 196 -37.06 13.16 10.41
CA GLY A 196 -37.86 13.91 11.37
C GLY A 196 -37.02 14.45 12.49
N ALA A 197 -36.12 13.63 13.02
CA ALA A 197 -35.30 14.01 14.18
C ALA A 197 -34.13 14.93 13.80
N GLN A 198 -33.64 14.82 12.57
CA GLN A 198 -32.48 15.60 12.13
C GLN A 198 -32.77 17.08 12.24
N GLY A 199 -31.87 17.79 12.89
CA GLY A 199 -32.12 19.18 13.25
C GLY A 199 -32.80 19.38 14.58
N HIS A 200 -33.19 18.31 15.25
CA HIS A 200 -33.96 18.46 16.49
C HIS A 200 -33.49 17.61 17.65
N THR A 201 -33.29 16.32 17.38
CA THR A 201 -33.06 15.33 18.42
CA THR A 201 -32.97 15.40 18.46
C THR A 201 -31.97 14.37 18.00
N ASN A 202 -31.08 14.05 18.94
CA ASN A 202 -30.01 13.08 18.72
C ASN A 202 -30.55 11.69 18.99
N THR A 203 -30.34 10.80 18.04
CA THR A 203 -30.91 9.45 18.05
C THR A 203 -29.92 8.34 17.74
N SER A 204 -28.67 8.62 17.40
CA SER A 204 -27.79 7.57 16.89
C SER A 204 -26.89 6.96 17.97
N HIS A 205 -26.07 6.01 17.54
CA HIS A 205 -25.00 5.49 18.39
C HIS A 205 -23.74 6.33 18.32
N GLY A 206 -23.76 7.46 17.60
CA GLY A 206 -22.58 8.31 17.46
C GLY A 206 -22.42 8.84 16.05
N SCH A 207 -22.94 8.10 15.07
CA SCH A 207 -22.89 8.55 13.67
CB SCH A 207 -23.47 7.49 12.77
SG SCH A 207 -22.29 6.17 12.67
SD SCH A 207 -22.72 5.12 14.37
CE SCH A 207 -24.50 5.15 14.77
C SCH A 207 -23.66 9.84 13.45
O SCH A 207 -24.62 10.13 14.16
N LEU A 208 -23.23 10.59 12.44
CA LEU A 208 -23.92 11.78 12.00
C LEU A 208 -24.96 11.40 10.95
N ASN A 209 -26.21 11.24 11.39
CA ASN A 209 -27.31 10.97 10.51
C ASN A 209 -27.68 12.22 9.73
N VAL A 210 -27.71 12.15 8.42
CA VAL A 210 -28.30 13.20 7.60
C VAL A 210 -29.24 12.58 6.56
N SER A 211 -29.84 13.46 5.78
CA SER A 211 -30.80 13.03 4.78
C SER A 211 -30.11 12.26 3.66
N PRO A 212 -30.87 11.39 2.96
CA PRO A 212 -30.27 10.68 1.81
C PRO A 212 -29.58 11.62 0.82
N SER A 213 -30.25 12.69 0.47
CA SER A 213 -29.70 13.69 -0.43
C SER A 213 -28.39 14.25 0.11
N ASN A 214 -28.42 14.61 1.39
CA ASN A 214 -27.24 15.23 2.00
C ASN A 214 -26.10 14.26 2.12
N ALA A 215 -26.39 13.02 2.48
CA ALA A 215 -25.33 11.99 2.56
C ALA A 215 -24.71 11.72 1.20
N GLN A 216 -25.52 11.65 0.17
CA GLN A 216 -24.93 11.43 -1.15
C GLN A 216 -24.09 12.64 -1.56
N TRP A 217 -24.59 13.85 -1.32
CA TRP A 217 -23.80 15.04 -1.60
C TRP A 217 -22.43 14.96 -0.89
N PHE A 218 -22.45 14.60 0.39
CA PHE A 218 -21.21 14.47 1.19
C PHE A 218 -20.27 13.43 0.59
N TYR A 219 -20.82 12.27 0.24
CA TYR A 219 -20.06 11.22 -0.43
C TYR A 219 -19.44 11.73 -1.74
N ASP A 220 -20.19 12.51 -2.50
CA ASP A 220 -19.71 12.97 -3.80
C ASP A 220 -18.68 14.08 -3.71
N HIS A 221 -18.80 14.93 -2.72
CA HIS A 221 -18.09 16.21 -2.71
C HIS A 221 -17.00 16.33 -1.66
N VAL A 222 -17.13 15.61 -0.55
CA VAL A 222 -16.15 15.61 0.50
C VAL A 222 -15.15 14.50 0.23
N LYS A 223 -13.87 14.81 0.34
CA LYS A 223 -12.84 13.88 -0.03
C LYS A 223 -11.98 13.53 1.18
N ARG A 224 -11.26 12.44 1.06
CA ARG A 224 -10.30 12.01 2.08
C ARG A 224 -9.41 13.18 2.47
N GLY A 225 -9.29 13.40 3.78
CA GLY A 225 -8.48 14.49 4.30
C GLY A 225 -9.24 15.75 4.57
N ASP A 226 -10.45 15.89 4.04
CA ASP A 226 -11.30 17.01 4.49
C ASP A 226 -11.60 16.81 5.97
N ILE A 227 -12.19 17.83 6.58
CA ILE A 227 -12.32 17.84 8.03
C ILE A 227 -13.80 17.93 8.38
N VAL A 228 -14.18 17.12 9.39
CA VAL A 228 -15.42 17.31 10.12
C VAL A 228 -15.06 17.73 11.54
N GLU A 229 -15.64 18.82 12.04
CA GLU A 229 -15.49 19.20 13.42
C GLU A 229 -16.83 19.08 14.12
N VAL A 230 -16.84 18.34 15.22
CA VAL A 230 -18.04 18.19 16.04
C VAL A 230 -17.88 19.10 17.24
N VAL A 231 -18.92 19.88 17.55
CA VAL A 231 -18.85 20.81 18.67
C VAL A 231 -20.14 20.78 19.47
N ASN A 232 -20.01 21.08 20.76
CA ASN A 232 -21.15 21.27 21.68
C ASN A 232 -21.96 20.04 22.02
N THR A 233 -21.48 18.84 21.72
CA THR A 233 -22.20 17.66 22.16
C THR A 233 -21.91 17.40 23.65
N VAL A 234 -22.64 16.44 24.21
CA VAL A 234 -22.43 16.07 25.61
C VAL A 234 -21.38 14.99 25.73
N GLY A 235 -20.74 14.66 24.61
CA GLY A 235 -19.75 13.60 24.62
C GLY A 235 -18.41 14.05 25.14
N GLY A 236 -17.45 13.14 25.07
CA GLY A 236 -16.06 13.44 25.37
C GLY A 236 -15.37 13.99 24.11
N THR A 237 -14.07 13.72 23.99
CA THR A 237 -13.30 14.19 22.85
C THR A 237 -12.76 12.99 22.09
N LEU A 238 -12.75 13.08 20.77
CA LEU A 238 -12.20 12.01 19.97
C LEU A 238 -10.72 11.80 20.35
N PRO A 239 -10.30 10.56 20.59
CA PRO A 239 -8.91 10.31 20.91
C PRO A 239 -7.96 10.66 19.76
N GLY A 240 -6.85 11.27 20.12
CA GLY A 240 -5.83 11.61 19.16
C GLY A 240 -5.32 10.44 18.38
N ILE A 241 -5.31 9.25 18.98
CA ILE A 241 -4.77 8.08 18.31
C ILE A 241 -5.85 7.18 17.72
N ASP A 242 -7.06 7.72 17.55
CA ASP A 242 -8.14 6.98 16.91
C ASP A 242 -7.71 6.35 15.61
N GLY A 243 -6.92 7.08 14.82
CA GLY A 243 -6.65 6.74 13.42
C GLY A 243 -6.99 7.89 12.47
N LEU A 244 -8.01 8.65 12.81
CA LEU A 244 -8.42 9.85 12.07
C LEU A 244 -8.58 11.00 13.05
N GLY A 245 -8.05 10.86 14.25
CA GLY A 245 -8.18 11.88 15.27
C GLY A 245 -6.93 12.69 15.56
N ASP A 246 -5.97 12.62 14.62
CA ASP A 246 -4.65 13.17 14.79
C ASP A 246 -4.66 14.60 15.30
N TRP A 247 -5.60 15.42 14.82
CA TRP A 247 -5.58 16.84 15.13
C TRP A 247 -6.04 17.15 16.54
N ASN A 248 -6.63 16.18 17.24
CA ASN A 248 -7.00 16.39 18.64
C ASN A 248 -5.77 16.33 19.56
N ILE A 249 -4.64 15.88 19.05
CA ILE A 249 -3.41 15.95 19.83
C ILE A 249 -2.87 17.35 19.66
N PRO A 250 -2.69 18.12 20.76
CA PRO A 250 -2.12 19.44 20.62
C PRO A 250 -0.74 19.38 19.98
N TRP A 251 -0.42 20.41 19.20
CA TRP A 251 0.83 20.45 18.46
C TRP A 251 2.06 20.22 19.34
N ASP A 252 2.12 20.89 20.50
CA ASP A 252 3.29 20.71 21.36
C ASP A 252 3.53 19.26 21.64
N GLN A 253 2.47 18.50 21.89
CA GLN A 253 2.60 17.10 22.17
C GLN A 253 2.92 16.31 20.93
N TRP A 254 2.21 16.57 19.85
CA TRP A 254 2.52 15.93 18.58
C TRP A 254 4.00 16.13 18.22
N ARG A 255 4.43 17.37 18.19
CA ARG A 255 5.77 17.70 17.73
C ARG A 255 6.82 16.99 18.59
N ALA A 256 6.57 16.89 19.91
CA ALA A 256 7.49 16.17 20.79
C ALA A 256 7.63 14.71 20.38
N GLY A 257 6.58 14.15 19.81
CA GLY A 257 6.62 12.82 19.31
C GLY A 257 6.59 11.75 20.39
N ASN A 258 6.78 10.53 19.95
CA ASN A 258 6.86 9.40 20.88
C ASN A 258 7.77 8.33 20.33
N ALA A 259 8.88 8.74 19.74
CA ALA A 259 9.83 7.81 19.10
C ALA A 259 10.48 6.85 20.12
N LYS A 260 10.50 7.25 21.38
CA LYS A 260 11.12 6.43 22.42
C LYS A 260 10.09 5.64 23.23
N ALA A 261 8.82 5.78 22.89
CA ALA A 261 7.78 5.04 23.55
C ALA A 261 7.46 3.79 22.76
N HIS B 3 -9.51 -7.77 16.43
CA HIS B 3 -8.27 -7.57 15.65
C HIS B 3 -8.56 -7.32 14.16
N LEU B 4 -7.77 -6.47 13.55
CA LEU B 4 -7.98 -6.04 12.18
C LEU B 4 -6.73 -6.34 11.35
N THR B 5 -6.92 -6.45 10.03
CA THR B 5 -5.83 -6.64 9.09
C THR B 5 -6.10 -5.80 7.84
N MET B 6 -5.07 -5.09 7.38
CA MET B 6 -5.21 -4.20 6.26
C MET B 6 -4.65 -4.90 5.02
N PRO B 7 -5.39 -4.86 3.90
CA PRO B 7 -4.83 -5.33 2.65
C PRO B 7 -4.06 -4.25 1.89
N TYR B 8 -3.02 -4.69 1.17
CA TYR B 8 -2.27 -3.82 0.30
C TYR B 8 -2.19 -4.55 -1.03
N VAL B 9 -2.54 -3.85 -2.09
CA VAL B 9 -2.61 -4.42 -3.43
C VAL B 9 -1.51 -3.83 -4.30
N MET B 10 -0.89 -4.69 -5.11
CA MET B 10 0.01 -4.29 -6.18
C MET B 10 -0.44 -4.98 -7.47
N PRO B 11 -0.16 -4.37 -8.63
CA PRO B 11 0.58 -3.12 -8.79
C PRO B 11 -0.20 -1.84 -8.43
N GLY B 12 0.48 -0.70 -8.50
CA GLY B 12 -0.14 0.56 -8.10
C GLY B 12 -1.27 0.99 -9.04
N ASP B 13 -2.24 1.69 -8.48
CA ASP B 13 -3.37 2.19 -9.24
C ASP B 13 -2.89 3.09 -10.39
N GLY B 14 -3.37 2.79 -11.59
CA GLY B 14 -3.02 3.54 -12.77
C GLY B 14 -1.73 3.14 -13.46
N GLU B 15 -0.97 2.20 -12.91
CA GLU B 15 0.33 1.87 -13.50
C GLU B 15 0.17 1.07 -14.79
N VAL B 16 1.19 1.18 -15.64
CA VAL B 16 1.39 0.30 -16.78
C VAL B 16 2.50 -0.68 -16.37
N VAL B 17 2.23 -1.97 -16.49
CA VAL B 17 3.17 -3.00 -16.05
C VAL B 17 3.41 -4.00 -17.19
N GLY B 18 4.44 -4.81 -17.04
CA GLY B 18 4.76 -5.82 -18.03
C GLY B 18 3.92 -7.08 -17.97
N VAL B 19 4.16 -7.97 -18.93
CA VAL B 19 3.25 -9.06 -19.16
C VAL B 19 3.34 -10.14 -18.10
N GLY B 20 4.32 -10.03 -17.22
CA GLY B 20 4.49 -11.01 -16.17
C GLY B 20 3.98 -10.58 -14.81
N GLU B 21 3.38 -9.42 -14.71
CA GLU B 21 3.03 -8.88 -13.41
C GLU B 21 1.77 -9.54 -12.83
N PRO B 22 1.88 -10.25 -11.69
CA PRO B 22 0.67 -10.79 -11.09
C PRO B 22 -0.04 -9.70 -10.27
N VAL B 23 -1.34 -9.89 -10.07
CA VAL B 23 -2.05 -9.17 -9.02
C VAL B 23 -1.60 -9.72 -7.67
N ALA B 24 -1.30 -8.82 -6.74
CA ALA B 24 -0.81 -9.22 -5.43
C ALA B 24 -1.60 -8.52 -4.35
N ILE B 25 -2.05 -9.29 -3.37
CA ILE B 25 -2.70 -8.75 -2.17
C ILE B 25 -1.94 -9.25 -0.97
N ARG B 26 -1.27 -8.33 -0.29
CA ARG B 26 -0.47 -8.62 0.89
C ARG B 26 -1.22 -8.07 2.10
N PHE B 27 -1.31 -8.89 3.14
CA PHE B 27 -1.96 -8.51 4.41
C PHE B 27 -0.92 -8.34 5.50
N ASP B 28 -1.23 -7.55 6.52
CA ASP B 28 -0.28 -7.32 7.60
C ASP B 28 -0.47 -8.30 8.77
N GLU B 29 -1.26 -9.35 8.57
CA GLU B 29 -1.35 -10.43 9.54
C GLU B 29 -1.53 -11.74 8.80
N ASN B 30 -1.11 -12.84 9.41
CA ASN B 30 -1.37 -14.16 8.87
C ASN B 30 -2.86 -14.31 8.60
N ILE B 31 -3.19 -14.84 7.43
CA ILE B 31 -4.60 -15.04 7.09
C ILE B 31 -4.96 -16.46 7.46
N ALA B 32 -5.81 -16.63 8.46
CA ALA B 32 -6.18 -17.96 8.93
C ALA B 32 -7.15 -18.64 7.96
N ASP B 33 -8.00 -17.85 7.29
CA ASP B 33 -9.00 -18.36 6.38
C ASP B 33 -8.71 -17.81 4.98
N ARG B 34 -7.84 -18.52 4.26
CA ARG B 34 -7.43 -18.07 2.94
C ARG B 34 -8.59 -17.98 1.95
N GLY B 35 -9.49 -18.94 2.01
CA GLY B 35 -10.64 -18.94 1.12
C GLY B 35 -11.55 -17.73 1.32
N ALA B 36 -11.70 -17.30 2.56
CA ALA B 36 -12.47 -16.08 2.81
C ALA B 36 -11.84 -14.87 2.15
N ALA B 37 -10.52 -14.77 2.22
CA ALA B 37 -9.82 -13.69 1.54
C ALA B 37 -10.05 -13.76 0.03
N GLU B 38 -9.91 -14.94 -0.56
CA GLU B 38 -10.09 -15.07 -2.00
C GLU B 38 -11.51 -14.70 -2.42
N LYS B 39 -12.51 -15.09 -1.63
CA LYS B 39 -13.87 -14.77 -1.97
C LYS B 39 -14.15 -13.28 -1.89
N ALA B 40 -13.34 -12.55 -1.12
CA ALA B 40 -13.53 -11.11 -0.99
C ALA B 40 -12.80 -10.30 -2.07
N ILE B 41 -12.08 -10.95 -3.00
CA ILE B 41 -11.25 -10.24 -3.98
C ILE B 41 -11.80 -10.45 -5.38
N LYS B 42 -12.18 -9.36 -6.06
CA LYS B 42 -12.80 -9.40 -7.38
C LYS B 42 -11.86 -8.80 -8.41
N ILE B 43 -11.41 -9.64 -9.33
CA ILE B 43 -10.51 -9.22 -10.39
C ILE B 43 -11.24 -9.30 -11.71
N THR B 44 -11.30 -8.17 -12.40
CA THR B 44 -11.94 -8.04 -13.69
C THR B 44 -10.86 -7.66 -14.72
N THR B 45 -10.82 -8.40 -15.81
CA THR B 45 -9.86 -8.16 -16.87
C THR B 45 -10.57 -7.90 -18.19
N ASN B 46 -9.99 -7.03 -19.00
CA ASN B 46 -10.47 -6.80 -20.36
C ASN B 46 -9.30 -6.55 -21.31
N PRO B 47 -9.14 -7.40 -22.31
CA PRO B 47 -9.96 -8.58 -22.60
C PRO B 47 -9.98 -9.63 -21.48
N PRO B 48 -11.15 -10.24 -21.24
CA PRO B 48 -11.25 -11.24 -20.17
C PRO B 48 -10.27 -12.39 -20.36
N VAL B 49 -9.59 -12.74 -19.28
CA VAL B 49 -8.70 -13.90 -19.28
C VAL B 49 -8.90 -14.64 -17.97
N GLU B 50 -8.78 -15.96 -18.02
CA GLU B 50 -8.87 -16.76 -16.81
C GLU B 50 -7.65 -16.49 -15.95
N GLY B 51 -7.85 -16.42 -14.64
CA GLY B 51 -6.77 -16.38 -13.69
C GLY B 51 -7.14 -17.09 -12.43
N ALA B 52 -6.19 -17.26 -11.53
CA ALA B 52 -6.44 -17.91 -10.24
C ALA B 52 -5.50 -17.45 -9.14
N PHE B 53 -5.92 -17.70 -7.90
CA PHE B 53 -5.15 -17.35 -6.70
C PHE B 53 -4.20 -18.45 -6.24
N TYR B 54 -3.05 -18.00 -5.76
CA TYR B 54 -2.03 -18.84 -5.15
C TYR B 54 -1.31 -18.02 -4.08
N TRP B 55 -1.14 -18.61 -2.89
CA TRP B 55 -0.50 -17.95 -1.77
C TRP B 55 0.99 -18.22 -1.77
N LEU B 56 1.77 -17.17 -1.66
CA LEU B 56 3.21 -17.29 -1.55
C LEU B 56 3.63 -17.59 -0.11
N ASN B 57 2.79 -17.20 0.85
CA ASN B 57 3.03 -17.44 2.26
C ASN B 57 1.74 -17.15 3.00
N ASN B 58 1.79 -17.10 4.32
CA ASN B 58 0.56 -16.90 5.07
C ASN B 58 0.00 -15.48 5.02
N ARG B 59 0.71 -14.56 4.38
CA ARG B 59 0.29 -13.18 4.29
C ARG B 59 0.02 -12.64 2.91
N GLU B 60 0.40 -13.36 1.86
CA GLU B 60 0.32 -12.76 0.53
C GLU B 60 -0.26 -13.75 -0.46
N VAL B 61 -1.26 -13.29 -1.20
CA VAL B 61 -1.91 -14.06 -2.23
C VAL B 61 -1.64 -13.38 -3.58
N ARG B 62 -1.47 -14.20 -4.61
CA ARG B 62 -1.20 -13.75 -5.95
C ARG B 62 -2.25 -14.26 -6.89
N TRP B 63 -2.52 -13.49 -7.96
CA TRP B 63 -3.44 -13.92 -9.01
C TRP B 63 -2.86 -13.62 -10.35
N ARG B 64 -2.90 -14.60 -11.23
CA ARG B 64 -2.36 -14.39 -12.55
C ARG B 64 -3.01 -15.37 -13.53
N PRO B 65 -2.83 -15.12 -14.82
CA PRO B 65 -3.33 -16.03 -15.84
C PRO B 65 -2.34 -17.17 -16.07
N GLU B 66 -2.72 -18.07 -16.97
CA GLU B 66 -1.91 -19.24 -17.30
C GLU B 66 -0.67 -18.83 -18.09
N HIS B 67 -0.82 -17.83 -18.95
CA HIS B 67 0.27 -17.32 -19.76
C HIS B 67 0.46 -15.86 -19.43
N PHE B 68 1.61 -15.34 -19.84
CA PHE B 68 1.86 -13.93 -19.66
C PHE B 68 0.69 -13.14 -20.24
N TRP B 69 0.43 -11.99 -19.67
CA TRP B 69 -0.73 -11.20 -20.08
C TRP B 69 -0.58 -10.73 -21.51
N LYS B 70 -1.71 -10.44 -22.16
CA LYS B 70 -1.68 -9.80 -23.46
C LYS B 70 -1.46 -8.32 -23.31
N PRO B 71 -0.52 -7.75 -24.09
CA PRO B 71 -0.33 -6.31 -23.94
C PRO B 71 -1.61 -5.58 -24.23
N GLY B 72 -1.88 -4.52 -23.47
CA GLY B 72 -3.10 -3.75 -23.64
C GLY B 72 -4.25 -4.18 -22.76
N THR B 73 -4.10 -5.29 -22.05
CA THR B 73 -5.12 -5.72 -21.12
C THR B 73 -5.27 -4.72 -19.98
N ALA B 74 -6.52 -4.42 -19.63
CA ALA B 74 -6.86 -3.61 -18.47
C ALA B 74 -7.31 -4.54 -17.35
N VAL B 75 -6.83 -4.29 -16.14
CA VAL B 75 -7.12 -5.13 -14.98
C VAL B 75 -7.67 -4.25 -13.85
N ASP B 76 -8.81 -4.64 -13.29
CA ASP B 76 -9.43 -3.97 -12.14
C ASP B 76 -9.47 -4.96 -10.98
N VAL B 77 -9.04 -4.50 -9.82
CA VAL B 77 -8.92 -5.31 -8.63
C VAL B 77 -9.75 -4.61 -7.58
N ALA B 78 -10.72 -5.35 -7.03
CA ALA B 78 -11.58 -4.87 -5.98
C ALA B 78 -11.36 -5.81 -4.80
N VAL B 79 -10.62 -5.34 -3.80
CA VAL B 79 -10.35 -6.12 -2.60
C VAL B 79 -11.40 -5.66 -1.59
N ASN B 80 -12.48 -6.44 -1.47
CA ASN B 80 -13.65 -6.00 -0.71
C ASN B 80 -13.67 -6.65 0.67
N THR B 81 -12.63 -6.34 1.42
CA THR B 81 -12.36 -7.03 2.66
C THR B 81 -12.95 -6.32 3.88
N TYR B 82 -13.54 -5.13 3.69
CA TYR B 82 -14.00 -4.39 4.89
C TYR B 82 -14.98 -5.26 5.64
N GLY B 83 -14.69 -5.51 6.91
CA GLY B 83 -15.60 -6.25 7.78
C GLY B 83 -15.64 -7.73 7.53
N VAL B 84 -14.82 -8.23 6.60
CA VAL B 84 -14.83 -9.65 6.33
C VAL B 84 -14.04 -10.38 7.40
N ASP B 85 -14.59 -11.50 7.88
CA ASP B 85 -13.93 -12.35 8.87
C ASP B 85 -12.91 -13.19 8.15
N LEU B 86 -11.63 -12.92 8.42
CA LEU B 86 -10.56 -13.66 7.77
C LEU B 86 -10.05 -14.75 8.66
N GLY B 87 -10.81 -15.07 9.69
CA GLY B 87 -10.52 -16.18 10.57
C GLY B 87 -9.76 -15.81 11.82
N GLU B 88 -9.95 -16.64 12.84
CA GLU B 88 -9.27 -16.52 14.13
C GLU B 88 -9.36 -15.14 14.73
N GLY B 89 -10.54 -14.54 14.59
CA GLY B 89 -10.80 -13.24 15.15
C GLY B 89 -10.37 -12.01 14.37
N MET B 90 -9.80 -12.18 13.18
CA MET B 90 -9.28 -11.05 12.41
C MET B 90 -10.27 -10.58 11.36
N PHE B 91 -10.46 -9.29 11.24
CA PHE B 91 -11.40 -8.74 10.28
C PHE B 91 -10.73 -7.83 9.32
N GLY B 92 -11.26 -7.76 8.12
CA GLY B 92 -10.70 -6.90 7.12
C GLY B 92 -10.92 -5.47 7.51
N GLU B 93 -9.85 -4.69 7.50
CA GLU B 93 -9.94 -3.33 7.97
C GLU B 93 -10.56 -2.36 6.98
N ASP B 94 -10.40 -2.60 5.70
CA ASP B 94 -10.98 -1.74 4.74
C ASP B 94 -10.91 -2.43 3.40
N ASN B 95 -11.51 -1.80 2.41
CA ASN B 95 -11.44 -2.26 1.08
C ASN B 95 -10.28 -1.56 0.40
N VAL B 96 -9.74 -2.19 -0.63
CA VAL B 96 -8.78 -1.51 -1.44
C VAL B 96 -9.13 -1.79 -2.84
N GLN B 97 -8.57 -1.00 -3.72
CA GLN B 97 -8.83 -1.13 -5.12
C GLN B 97 -7.61 -0.78 -5.94
N THR B 98 -7.60 -1.18 -7.19
CA THR B 98 -6.55 -0.72 -8.07
C THR B 98 -6.94 -1.03 -9.48
N HIS B 99 -6.51 -0.21 -10.41
CA HIS B 99 -6.75 -0.50 -11.81
C HIS B 99 -5.41 -0.31 -12.51
N PHE B 100 -5.05 -1.20 -13.42
CA PHE B 100 -3.80 -1.07 -14.14
C PHE B 100 -3.93 -1.65 -15.54
N THR B 101 -2.87 -1.46 -16.33
CA THR B 101 -2.87 -1.82 -17.73
C THR B 101 -1.55 -2.55 -18.03
N ILE B 102 -1.61 -3.48 -18.97
CA ILE B 102 -0.43 -4.25 -19.35
C ILE B 102 0.22 -3.53 -20.53
N GLY B 103 1.53 -3.30 -20.45
CA GLY B 103 2.28 -2.62 -21.50
C GLY B 103 2.85 -3.53 -22.57
N ASP B 104 3.90 -3.05 -23.21
CA ASP B 104 4.54 -3.83 -24.25
C ASP B 104 5.06 -5.15 -23.65
N GLU B 105 5.15 -6.15 -24.51
CA GLU B 105 5.77 -7.42 -24.16
C GLU B 105 7.28 -7.27 -24.18
N VAL B 106 7.91 -7.41 -23.01
CA VAL B 106 9.35 -7.28 -22.88
C VAL B 106 9.86 -8.54 -22.18
N ILE B 107 10.61 -9.35 -22.91
CA ILE B 107 11.15 -10.57 -22.36
C ILE B 107 12.63 -10.55 -22.63
N ALA B 108 13.41 -10.59 -21.56
CA ALA B 108 14.85 -10.68 -21.66
C ALA B 108 15.28 -12.10 -21.31
N THR B 109 16.13 -12.71 -22.14
CA THR B 109 16.61 -14.04 -21.90
C THR B 109 18.11 -14.03 -21.63
N ALA B 110 18.53 -14.53 -20.48
CA ALA B 110 19.95 -14.67 -20.12
C ALA B 110 20.33 -16.13 -20.31
N ASP B 111 21.20 -16.39 -21.27
CA ASP B 111 21.52 -17.74 -21.70
C ASP B 111 22.97 -18.03 -21.32
N ASP B 112 23.15 -18.99 -20.43
CA ASP B 112 24.46 -19.27 -19.89
C ASP B 112 25.36 -19.95 -20.92
N ASN B 113 24.77 -20.50 -22.00
CA ASN B 113 25.59 -21.12 -23.08
C ASN B 113 26.18 -20.07 -23.97
N THR B 114 25.49 -18.95 -24.15
CA THR B 114 26.06 -17.84 -24.88
C THR B 114 26.63 -16.75 -23.99
N LYS B 115 26.19 -16.71 -22.74
CA LYS B 115 26.53 -15.64 -21.80
C LYS B 115 26.12 -14.29 -22.37
N ILE B 116 24.97 -14.30 -23.02
CA ILE B 116 24.34 -13.10 -23.53
C ILE B 116 22.95 -12.96 -22.96
N LEU B 117 22.64 -11.72 -22.54
CA LEU B 117 21.30 -11.33 -22.21
C LEU B 117 20.71 -10.51 -23.38
N THR B 118 19.66 -11.09 -23.96
CA THR B 118 18.92 -10.54 -25.12
C THR B 118 17.55 -10.00 -24.71
N VAL B 119 17.27 -8.74 -25.03
CA VAL B 119 15.99 -8.14 -24.68
C VAL B 119 15.14 -8.08 -25.95
N ARG B 120 13.98 -8.73 -25.89
CA ARG B 120 13.03 -8.70 -26.97
C ARG B 120 11.85 -7.86 -26.55
N VAL B 121 11.45 -6.94 -27.42
CA VAL B 121 10.28 -6.13 -27.19
C VAL B 121 9.31 -6.46 -28.29
N ASN B 122 8.14 -6.97 -27.92
CA ASN B 122 7.15 -7.42 -28.88
C ASN B 122 7.75 -8.32 -29.93
N GLY B 123 8.66 -9.19 -29.49
CA GLY B 123 9.22 -10.22 -30.32
C GLY B 123 10.55 -9.89 -30.96
N GLU B 124 10.90 -8.62 -31.02
CA GLU B 124 12.09 -8.17 -31.77
C GLU B 124 13.25 -7.90 -30.84
N VAL B 125 14.44 -8.32 -31.23
CA VAL B 125 15.61 -8.10 -30.44
C VAL B 125 15.97 -6.66 -30.48
N VAL B 126 15.98 -6.03 -29.33
CA VAL B 126 16.33 -4.64 -29.29
C VAL B 126 17.65 -4.39 -28.60
N LYS B 127 18.17 -5.33 -27.81
CA LYS B 127 19.47 -5.16 -27.21
C LYS B 127 20.07 -6.50 -26.88
N SER B 128 21.39 -6.64 -27.02
CA SER B 128 22.10 -7.86 -26.63
C SER B 128 23.18 -7.46 -25.66
N MET B 129 23.28 -8.12 -24.52
CA MET B 129 24.21 -7.69 -23.49
C MET B 129 25.01 -8.88 -22.96
N PRO B 130 26.34 -8.83 -23.09
CA PRO B 130 27.14 -9.85 -22.42
C PRO B 130 26.90 -9.83 -20.91
N THR B 131 26.86 -10.99 -20.29
CA THR B 131 26.60 -11.07 -18.87
C THR B 131 27.58 -12.00 -18.22
N SER B 132 27.78 -11.79 -16.94
CA SER B 132 28.47 -12.75 -16.08
C SER B 132 27.50 -13.06 -14.94
N MET B 133 27.11 -14.33 -14.82
CA MET B 133 26.09 -14.73 -13.84
C MET B 133 26.74 -15.40 -12.62
N GLY B 134 25.98 -16.16 -11.85
CA GLY B 134 26.51 -16.77 -10.65
C GLY B 134 27.62 -17.74 -10.98
N LYS B 135 28.68 -17.69 -10.20
CA LYS B 135 29.78 -18.66 -10.37
C LYS B 135 29.30 -20.06 -10.02
N ASP B 136 30.04 -21.06 -10.51
CA ASP B 136 29.58 -22.46 -10.39
C ASP B 136 29.14 -22.84 -8.99
N SER B 137 29.82 -22.33 -7.96
CA SER B 137 29.49 -22.68 -6.58
C SER B 137 28.28 -21.93 -6.06
N THR B 138 27.94 -20.80 -6.67
CA THR B 138 26.78 -19.99 -6.27
C THR B 138 26.07 -19.57 -7.55
N PRO B 139 25.53 -20.55 -8.27
CA PRO B 139 25.01 -20.25 -9.62
C PRO B 139 23.69 -19.50 -9.59
N THR B 140 23.39 -18.83 -10.70
CA THR B 140 22.09 -18.22 -10.90
C THR B 140 21.10 -19.32 -11.28
N ALA B 141 19.95 -19.33 -10.62
CA ALA B 141 18.93 -20.34 -10.88
C ALA B 141 18.28 -20.04 -12.22
N ASN B 142 18.05 -21.09 -12.98
CA ASN B 142 17.22 -20.99 -14.17
C ASN B 142 15.77 -20.72 -13.80
N GLY B 143 15.01 -20.22 -14.77
CA GLY B 143 13.57 -20.04 -14.59
C GLY B 143 13.15 -18.65 -15.02
N ILE B 144 11.91 -18.34 -14.69
CA ILE B 144 11.25 -17.13 -15.10
C ILE B 144 11.23 -16.20 -13.92
N TYR B 145 11.77 -15.01 -14.11
CA TYR B 145 11.84 -13.98 -13.09
C TYR B 145 10.94 -12.82 -13.51
N ILE B 146 10.17 -12.28 -12.56
CA ILE B 146 9.40 -11.07 -12.81
C ILE B 146 10.22 -9.86 -12.37
N VAL B 147 10.36 -8.87 -13.25
CA VAL B 147 11.04 -7.65 -12.86
C VAL B 147 10.26 -6.92 -11.76
N GLY B 148 10.98 -6.55 -10.71
CA GLY B 148 10.40 -5.84 -9.59
C GLY B 148 10.87 -4.40 -9.58
N SER B 149 11.35 -3.92 -8.43
CA SER B 149 11.78 -2.51 -8.32
C SER B 149 13.13 -2.25 -9.01
N ARG B 150 13.40 -0.98 -9.26
CA ARG B 150 14.67 -0.55 -9.85
C ARG B 150 15.27 0.55 -9.01
N TYR B 151 16.58 0.63 -9.03
CA TYR B 151 17.32 1.56 -8.16
C TYR B 151 18.43 2.16 -8.95
N LYS B 152 18.52 3.48 -8.99
CA LYS B 152 19.69 4.12 -9.62
C LYS B 152 21.01 3.65 -8.97
N HIS B 153 20.98 3.47 -7.67
CA HIS B 153 22.12 2.91 -6.95
C HIS B 153 21.60 2.35 -5.64
N ILE B 154 22.11 1.21 -5.22
CA ILE B 154 21.82 0.66 -3.90
C ILE B 154 23.06 -0.03 -3.39
N ILE B 155 23.21 -0.07 -2.09
CA ILE B 155 24.18 -0.95 -1.46
C ILE B 155 23.53 -2.34 -1.40
N MET B 156 24.06 -3.27 -2.19
CA MET B 156 23.62 -4.64 -2.21
C MET B 156 24.28 -5.30 -0.99
N ASP B 157 23.47 -5.63 0.03
CA ASP B 157 23.96 -6.20 1.28
C ASP B 157 23.30 -7.54 1.53
N SER B 158 24.10 -8.60 1.57
CA SER B 158 23.55 -9.95 1.71
C SER B 158 22.78 -10.15 3.02
N SER B 159 23.14 -9.41 4.07
CA SER B 159 22.43 -9.55 5.33
C SER B 159 20.97 -9.09 5.25
N THR B 160 20.67 -8.18 4.32
CA THR B 160 19.28 -7.88 3.98
C THR B 160 18.49 -9.14 3.65
N TYR B 161 19.16 -10.16 3.13
CA TYR B 161 18.54 -11.40 2.71
C TYR B 161 18.89 -12.57 3.62
N GLY B 162 19.36 -12.26 4.83
CA GLY B 162 19.63 -13.27 5.85
C GLY B 162 20.96 -13.99 5.71
N VAL B 163 21.84 -13.52 4.82
CA VAL B 163 23.15 -14.14 4.61
C VAL B 163 24.21 -13.20 5.17
N PRO B 164 24.90 -13.58 6.25
CA PRO B 164 25.87 -12.66 6.85
C PRO B 164 26.89 -12.18 5.85
N VAL B 165 27.23 -10.91 5.92
CA VAL B 165 28.18 -10.36 4.98
C VAL B 165 29.51 -11.13 5.04
N ASN B 166 29.86 -11.61 6.24
CA ASN B 166 31.10 -12.36 6.40
C ASN B 166 30.99 -13.84 6.00
N SER B 167 29.78 -14.32 5.70
CA SER B 167 29.58 -15.68 5.11
C SER B 167 30.38 -15.81 3.82
N PRO B 168 30.67 -17.04 3.39
CA PRO B 168 31.43 -17.20 2.14
C PRO B 168 30.73 -16.68 0.89
N ASN B 169 29.39 -16.65 0.90
CA ASN B 169 28.59 -16.08 -0.19
CA ASN B 169 28.67 -16.01 -0.22
C ASN B 169 27.98 -14.72 0.20
N GLY B 170 28.50 -14.11 1.26
CA GLY B 170 28.04 -12.77 1.64
C GLY B 170 28.68 -11.68 0.82
N TYR B 171 28.05 -10.52 0.84
CA TYR B 171 28.55 -9.36 0.09
C TYR B 171 27.93 -8.10 0.67
N ARG B 172 28.65 -7.00 0.50
CA ARG B 172 28.11 -5.67 0.71
C ARG B 172 28.81 -4.77 -0.30
N THR B 173 28.10 -4.38 -1.36
CA THR B 173 28.70 -3.70 -2.51
C THR B 173 27.77 -2.64 -3.03
N ASP B 174 28.28 -1.42 -3.22
CA ASP B 174 27.48 -0.35 -3.82
C ASP B 174 27.43 -0.62 -5.31
N VAL B 175 26.23 -0.63 -5.89
CA VAL B 175 26.11 -0.85 -7.32
C VAL B 175 25.13 0.12 -7.95
N ASP B 176 25.37 0.39 -9.23
CA ASP B 176 24.52 1.24 -10.02
C ASP B 176 23.54 0.47 -10.90
N TRP B 177 22.45 1.15 -11.25
CA TRP B 177 21.48 0.70 -12.24
C TRP B 177 21.04 -0.75 -11.95
N ALA B 178 20.43 -0.94 -10.79
CA ALA B 178 20.07 -2.27 -10.28
C ALA B 178 18.60 -2.51 -10.48
N THR B 179 18.26 -3.56 -11.21
CA THR B 179 16.89 -3.96 -11.44
C THR B 179 16.69 -5.27 -10.69
N GLN B 180 15.84 -5.25 -9.70
CA GLN B 180 15.51 -6.44 -8.90
C GLN B 180 14.72 -7.42 -9.74
N ILE B 181 15.13 -8.69 -9.71
CA ILE B 181 14.36 -9.74 -10.37
C ILE B 181 14.05 -10.93 -9.47
N SER B 182 14.54 -10.99 -8.23
CA SER B 182 14.00 -11.96 -7.30
C SER B 182 14.01 -11.37 -5.91
N TYR B 183 13.06 -11.79 -5.08
CA TYR B 183 13.05 -11.35 -3.68
C TYR B 183 14.25 -11.88 -2.93
N SER B 184 14.85 -12.97 -3.42
CA SER B 184 16.08 -13.51 -2.83
C SER B 184 17.27 -12.58 -3.01
N GLY B 185 17.18 -11.61 -3.92
CA GLY B 185 18.22 -10.64 -4.11
C GLY B 185 18.98 -10.74 -5.39
N VAL B 186 18.43 -11.40 -6.40
CA VAL B 186 19.03 -11.40 -7.71
C VAL B 186 18.63 -10.09 -8.40
N PHE B 187 19.63 -9.40 -8.91
CA PHE B 187 19.46 -8.19 -9.71
C PHE B 187 20.19 -8.29 -11.06
N VAL B 188 19.70 -7.56 -12.04
CA VAL B 188 20.50 -7.13 -13.16
C VAL B 188 21.13 -5.80 -12.74
N HIS B 189 22.43 -5.69 -12.86
CA HIS B 189 23.08 -4.47 -12.43
C HIS B 189 24.40 -4.23 -13.13
N SER B 190 24.87 -2.99 -13.02
CA SER B 190 26.16 -2.60 -13.53
C SER B 190 27.30 -3.29 -12.73
N ALA B 191 28.24 -3.89 -13.45
CA ALA B 191 29.38 -4.56 -12.82
C ALA B 191 30.62 -4.22 -13.64
N PRO B 192 31.12 -2.98 -13.51
CA PRO B 192 32.32 -2.62 -14.25
C PRO B 192 33.48 -3.61 -14.05
N TRP B 193 33.59 -4.17 -12.85
CA TRP B 193 34.70 -5.06 -12.53
C TRP B 193 34.68 -6.40 -13.27
N SER B 194 33.54 -6.81 -13.81
CA SER B 194 33.43 -8.11 -14.48
C SER B 194 33.21 -7.96 -15.96
N VAL B 195 33.42 -6.75 -16.49
CA VAL B 195 33.20 -6.48 -17.90
C VAL B 195 34.04 -7.42 -18.76
N GLY B 196 35.29 -7.66 -18.37
CA GLY B 196 36.13 -8.61 -19.10
C GLY B 196 35.52 -10.00 -19.14
N ALA B 197 35.01 -10.47 -18.01
CA ALA B 197 34.40 -11.80 -17.90
C ALA B 197 33.01 -11.86 -18.51
N GLN B 198 32.32 -10.72 -18.63
CA GLN B 198 30.96 -10.76 -19.16
C GLN B 198 30.97 -11.32 -20.57
N GLY B 199 30.11 -12.29 -20.82
CA GLY B 199 30.12 -12.98 -22.10
C GLY B 199 31.07 -14.14 -22.14
N HIS B 200 31.71 -14.46 -21.02
CA HIS B 200 32.78 -15.48 -21.01
C HIS B 200 32.74 -16.40 -19.81
N THR B 201 32.78 -15.83 -18.61
CA THR B 201 32.80 -16.64 -17.40
C THR B 201 31.91 -16.05 -16.34
N ASN B 202 31.37 -16.90 -15.50
CA ASN B 202 30.49 -16.48 -14.43
C ASN B 202 31.26 -16.24 -13.14
N THR B 203 31.06 -15.07 -12.55
CA THR B 203 31.86 -14.64 -11.45
C THR B 203 31.06 -14.18 -10.25
N SER B 204 29.73 -14.12 -10.36
CA SER B 204 28.93 -13.38 -9.38
C SER B 204 28.39 -14.29 -8.25
N HIS B 205 27.71 -13.68 -7.28
CA HIS B 205 27.00 -14.45 -6.26
C HIS B 205 25.64 -14.93 -6.76
N GLY B 206 25.28 -14.61 -7.99
CA GLY B 206 23.94 -14.93 -8.47
C GLY B 206 23.35 -13.86 -9.35
N SCH B 207 23.75 -12.62 -9.11
CA SCH B 207 23.30 -11.49 -9.91
CB SCH B 207 23.84 -10.18 -9.30
SG SCH B 207 22.97 -9.82 -7.74
SD SCH B 207 23.84 -10.92 -6.24
CE SCH B 207 24.99 -9.76 -5.45
C SCH B 207 23.75 -11.62 -11.35
O SCH B 207 24.77 -12.25 -11.66
N LEU B 208 22.98 -11.00 -12.24
CA LEU B 208 23.34 -10.87 -13.64
C LEU B 208 24.16 -9.59 -13.80
N ASN B 209 25.48 -9.74 -13.83
CA ASN B 209 26.38 -8.64 -14.09
C ASN B 209 26.36 -8.25 -15.56
N VAL B 210 26.11 -6.98 -15.87
CA VAL B 210 26.29 -6.47 -17.22
C VAL B 210 27.07 -5.15 -17.15
N SER B 211 27.38 -4.60 -18.32
CA SER B 211 28.19 -3.39 -18.42
C SER B 211 27.40 -2.19 -17.88
N PRO B 212 28.11 -1.17 -17.42
CA PRO B 212 27.41 0.01 -16.93
C PRO B 212 26.36 0.54 -17.91
N SER B 213 26.75 0.67 -19.16
CA SER B 213 25.86 1.17 -20.20
C SER B 213 24.63 0.27 -20.37
N ASN B 214 24.85 -1.04 -20.38
CA ASN B 214 23.75 -1.99 -20.53
C ASN B 214 22.84 -2.02 -19.32
N ALA B 215 23.40 -1.88 -18.12
CA ALA B 215 22.59 -1.90 -16.93
C ALA B 215 21.71 -0.66 -16.87
N GLN B 216 22.27 0.47 -17.27
CA GLN B 216 21.51 1.69 -17.35
C GLN B 216 20.40 1.54 -18.37
N TRP B 217 20.72 1.02 -19.54
CA TRP B 217 19.71 0.71 -20.54
C TRP B 217 18.58 -0.14 -19.94
N PHE B 218 18.95 -1.17 -19.18
CA PHE B 218 17.96 -2.08 -18.61
C PHE B 218 17.08 -1.32 -17.61
N TYR B 219 17.71 -0.52 -16.77
CA TYR B 219 17.01 0.32 -15.82
C TYR B 219 16.04 1.27 -16.52
N ASP B 220 16.47 1.84 -17.64
CA ASP B 220 15.66 2.81 -18.33
C ASP B 220 14.49 2.19 -19.09
N HIS B 221 14.67 1.00 -19.64
CA HIS B 221 13.73 0.49 -20.59
C HIS B 221 12.90 -0.72 -20.14
N VAL B 222 13.27 -1.36 -19.04
CA VAL B 222 12.52 -2.49 -18.52
C VAL B 222 11.76 -2.01 -17.29
N LYS B 223 10.51 -2.42 -17.17
CA LYS B 223 9.62 -1.95 -16.10
C LYS B 223 9.15 -3.10 -15.24
N ARG B 224 8.59 -2.74 -14.09
CA ARG B 224 7.95 -3.71 -13.22
C ARG B 224 7.02 -4.60 -14.01
N GLY B 225 7.17 -5.90 -13.83
CA GLY B 225 6.33 -6.86 -14.51
C GLY B 225 6.87 -7.39 -15.81
N ASP B 226 7.88 -6.76 -16.40
CA ASP B 226 8.56 -7.37 -17.53
C ASP B 226 9.23 -8.66 -17.05
N ILE B 227 9.68 -9.48 -18.00
CA ILE B 227 10.14 -10.82 -17.69
C ILE B 227 11.64 -10.97 -17.99
N VAL B 228 12.38 -11.62 -17.07
CA VAL B 228 13.71 -12.13 -17.36
C VAL B 228 13.66 -13.66 -17.26
N GLU B 229 14.11 -14.36 -18.30
CA GLU B 229 14.23 -15.81 -18.26
C GLU B 229 15.72 -16.16 -18.30
N VAL B 230 16.13 -16.96 -17.32
CA VAL B 230 17.49 -17.48 -17.22
C VAL B 230 17.43 -18.92 -17.71
N VAL B 231 18.33 -19.25 -18.63
CA VAL B 231 18.38 -20.59 -19.18
C VAL B 231 19.82 -21.10 -19.17
N ASN B 232 19.92 -22.43 -19.02
CA ASN B 232 21.15 -23.19 -19.25
C ASN B 232 22.24 -23.04 -18.20
N THR B 233 21.95 -22.43 -17.07
CA THR B 233 22.96 -22.35 -16.02
C THR B 233 23.09 -23.72 -15.36
N VAL B 234 24.10 -23.85 -14.50
CA VAL B 234 24.31 -25.06 -13.73
C VAL B 234 23.48 -25.05 -12.47
N GLY B 235 22.58 -24.08 -12.37
CA GLY B 235 21.81 -23.86 -11.17
C GLY B 235 20.58 -24.72 -11.11
N GLY B 236 19.82 -24.51 -10.05
CA GLY B 236 18.50 -25.11 -9.89
C GLY B 236 17.47 -24.27 -10.60
N THR B 237 16.23 -24.32 -10.11
CA THR B 237 15.14 -23.48 -10.59
C THR B 237 14.74 -22.49 -9.51
N LEU B 238 14.41 -21.27 -9.93
CA LEU B 238 13.98 -20.25 -8.96
C LEU B 238 12.69 -20.74 -8.29
N PRO B 239 12.61 -20.66 -6.96
CA PRO B 239 11.37 -21.08 -6.31
C PRO B 239 10.13 -20.29 -6.76
N GLY B 240 9.05 -21.00 -6.95
CA GLY B 240 7.85 -20.34 -7.33
C GLY B 240 7.35 -19.37 -6.29
N ILE B 241 7.67 -19.59 -5.01
CA ILE B 241 7.19 -18.72 -3.96
C ILE B 241 8.22 -17.73 -3.53
N ASP B 242 9.18 -17.47 -4.39
CA ASP B 242 10.20 -16.49 -4.11
C ASP B 242 9.61 -15.15 -3.76
N GLY B 243 8.61 -14.71 -4.51
CA GLY B 243 8.11 -13.35 -4.43
C GLY B 243 8.05 -12.76 -5.84
N LEU B 244 9.01 -13.14 -6.69
CA LEU B 244 8.95 -12.81 -8.12
C LEU B 244 9.14 -14.02 -8.98
N GLY B 245 8.92 -15.19 -8.42
CA GLY B 245 9.13 -16.43 -9.17
C GLY B 245 7.87 -17.12 -9.55
N ASP B 246 6.74 -16.39 -9.50
CA ASP B 246 5.42 -16.98 -9.62
C ASP B 246 5.27 -17.88 -10.85
N TRP B 247 5.88 -17.47 -11.96
CA TRP B 247 5.69 -18.19 -13.23
C TRP B 247 6.39 -19.53 -13.26
N ASN B 248 7.24 -19.82 -12.28
CA ASN B 248 7.87 -21.14 -12.19
C ASN B 248 6.97 -22.22 -11.64
N ILE B 249 5.83 -21.84 -11.08
CA ILE B 249 4.84 -22.81 -10.64
C ILE B 249 4.02 -23.14 -11.90
N PRO B 250 3.95 -24.42 -12.29
CA PRO B 250 3.15 -24.75 -13.47
C PRO B 250 1.70 -24.38 -13.28
N TRP B 251 1.04 -23.99 -14.36
CA TRP B 251 -0.32 -23.47 -14.26
C TRP B 251 -1.26 -24.46 -13.54
N ASP B 252 -1.14 -25.76 -13.83
CA ASP B 252 -2.04 -26.71 -13.20
C ASP B 252 -1.90 -26.69 -11.66
N GLN B 253 -0.69 -26.54 -11.17
CA GLN B 253 -0.47 -26.39 -9.74
C GLN B 253 -0.95 -25.03 -9.23
N TRP B 254 -0.62 -23.95 -9.95
CA TRP B 254 -1.06 -22.62 -9.56
C TRP B 254 -2.58 -22.54 -9.49
N ARG B 255 -3.22 -22.97 -10.55
CA ARG B 255 -4.67 -22.89 -10.68
C ARG B 255 -5.35 -23.65 -9.56
N ALA B 256 -4.84 -24.83 -9.23
CA ALA B 256 -5.43 -25.62 -8.13
C ALA B 256 -5.42 -24.83 -6.83
N GLY B 257 -4.42 -23.97 -6.67
CA GLY B 257 -4.36 -23.09 -5.51
C GLY B 257 -3.82 -23.78 -4.27
N ASN B 258 -3.84 -23.07 -3.17
CA ASN B 258 -3.37 -23.61 -1.90
C ASN B 258 -4.09 -22.94 -0.74
N ALA B 259 -5.37 -22.68 -0.95
CA ALA B 259 -6.20 -22.03 0.04
C ALA B 259 -6.30 -22.85 1.32
N LYS B 260 -6.14 -24.15 1.19
CA LYS B 260 -6.18 -24.97 2.37
C LYS B 260 -4.83 -25.48 2.85
N ALA B 261 -3.72 -25.14 2.19
CA ALA B 261 -2.40 -25.58 2.64
C ALA B 261 -1.83 -24.65 3.69
S DMS C . -25.78 21.40 22.95
O DMS C . -27.20 21.81 23.01
C1 DMS C . -24.93 22.47 24.00
C2 DMS C . -25.72 19.99 23.90
S DMS D . -3.93 8.29 6.97
O DMS D . -3.97 6.97 6.28
C1 DMS D . -3.52 9.41 5.74
C2 DMS D . -5.45 8.88 7.54
S DMS E . 26.01 -23.59 -19.99
O DMS E . 26.49 -23.70 -18.57
C1 DMS E . 27.45 -23.75 -20.84
C2 DMS E . 25.29 -25.11 -20.26
#